data_4BPR
#
_entry.id   4BPR
#
_cell.length_a   86.188
_cell.length_b   86.188
_cell.length_c   95.921
_cell.angle_alpha   90.00
_cell.angle_beta   90.00
_cell.angle_gamma   120.00
#
_symmetry.space_group_name_H-M   'P 65'
#
loop_
_entity.id
_entity.type
_entity.pdbx_description
1 polymer 'FERREDOXIN-NADP REDUCTASE'
2 non-polymer 'FLAVIN-ADENINE DINUCLEOTIDE'
3 non-polymer GLYCEROL
4 non-polymer 'SULFATE ION'
5 water water
#
_entity_poly.entity_id   1
_entity_poly.type   'polypeptide(L)'
_entity_poly.pdbx_seq_one_letter_code
;TQAKAKHADVPVNLYRPNAPFIGKVISNEPLVKEGGIGIVQHIKFDLTGGNLKYIEGQSIGIIPPGVDKNGKPEKLRLFS
IASTRHGDDVDDKTISLCVRQLEYKHPESGETVYGVCSTYLTHIEPGSEVKITGPVGKEMLLPDDPEANVIMLATGTGIA
PMRTYLWRMFKDAERAANPEYQFKGFSWLVFGVPTTPNILYKEELEEIQQKYPDNFRLTYAISREQKNPQGGRMYIQDRV
AEHADQLWQLIKNQKTHTYICGLRGMEEGIDAALSAAAAKEGVTWSDYQKDLKKAGRWHVETY
;
_entity_poly.pdbx_strand_id   A
#
loop_
_chem_comp.id
_chem_comp.type
_chem_comp.name
_chem_comp.formula
FAD non-polymer 'FLAVIN-ADENINE DINUCLEOTIDE' 'C27 H33 N9 O15 P2'
GOL non-polymer GLYCEROL 'C3 H8 O3'
SO4 non-polymer 'SULFATE ION' 'O4 S -2'
#
# COMPACT_ATOMS: atom_id res chain seq x y z
N ASP A 9 15.13 -17.13 0.94
CA ASP A 9 14.15 -16.93 2.05
C ASP A 9 12.90 -16.24 1.50
N VAL A 10 13.05 -15.00 1.08
CA VAL A 10 11.93 -14.24 0.52
C VAL A 10 11.55 -14.82 -0.84
N PRO A 11 10.28 -15.19 -0.98
CA PRO A 11 9.82 -15.75 -2.25
C PRO A 11 9.84 -14.69 -3.34
N VAL A 12 10.26 -15.08 -4.54
CA VAL A 12 10.29 -14.14 -5.65
C VAL A 12 10.19 -14.86 -6.99
N ASN A 13 9.33 -14.36 -7.87
CA ASN A 13 9.21 -14.92 -9.21
C ASN A 13 8.96 -16.42 -9.25
N LEU A 14 8.01 -16.87 -8.45
CA LEU A 14 7.59 -18.26 -8.51
C LEU A 14 6.88 -18.49 -9.83
N TYR A 15 6.25 -17.44 -10.36
CA TYR A 15 5.68 -17.48 -11.70
C TYR A 15 6.16 -16.28 -12.48
N ARG A 16 6.35 -16.49 -13.78
CA ARG A 16 6.86 -15.46 -14.66
C ARG A 16 5.93 -15.28 -15.85
N PRO A 17 6.08 -14.17 -16.57
CA PRO A 17 5.19 -13.85 -17.68
C PRO A 17 5.08 -14.94 -18.74
N ASN A 18 6.13 -15.72 -18.97
CA ASN A 18 6.07 -16.73 -20.04
C ASN A 18 5.20 -17.92 -19.66
N ALA A 19 5.01 -18.11 -18.36
CA ALA A 19 4.23 -19.25 -17.84
C ALA A 19 3.55 -18.82 -16.54
N PRO A 20 2.55 -17.94 -16.65
CA PRO A 20 1.98 -17.38 -15.43
C PRO A 20 1.14 -18.39 -14.68
N PHE A 21 0.86 -18.11 -13.41
CA PHE A 21 -0.13 -18.88 -12.68
C PHE A 21 -1.53 -18.47 -13.10
N ILE A 22 -2.37 -19.45 -13.40
CA ILE A 22 -3.77 -19.17 -13.70
C ILE A 22 -4.60 -19.25 -12.42
N GLY A 23 -4.97 -18.10 -11.87
CA GLY A 23 -5.76 -18.10 -10.65
C GLY A 23 -7.20 -17.83 -11.01
N LYS A 24 -8.12 -18.06 -10.07
CA LYS A 24 -9.52 -17.73 -10.29
C LYS A 24 -9.91 -16.59 -9.37
N VAL A 25 -10.68 -15.65 -9.89
CA VAL A 25 -11.24 -14.61 -9.04
C VAL A 25 -12.23 -15.23 -8.06
N ILE A 26 -12.05 -14.94 -6.78
CA ILE A 26 -13.00 -15.37 -5.76
C ILE A 26 -14.07 -14.30 -5.55
N SER A 27 -13.63 -13.06 -5.37
CA SER A 27 -14.54 -11.95 -5.07
C SER A 27 -13.93 -10.66 -5.56
N ASN A 28 -14.78 -9.68 -5.82
CA ASN A 28 -14.40 -8.36 -6.33
C ASN A 28 -15.36 -7.36 -5.71
N GLU A 29 -14.89 -6.63 -4.70
CA GLU A 29 -15.78 -5.75 -3.93
C GLU A 29 -15.33 -4.28 -3.96
N PRO A 30 -16.29 -3.35 -3.98
CA PRO A 30 -15.98 -1.91 -4.05
C PRO A 30 -15.43 -1.39 -2.74
N LEU A 31 -14.44 -0.50 -2.82
CA LEU A 31 -13.87 0.09 -1.62
C LEU A 31 -14.23 1.55 -1.50
N VAL A 32 -14.61 2.16 -2.62
CA VAL A 32 -15.07 3.54 -2.60
C VAL A 32 -16.58 3.52 -2.32
N LYS A 33 -16.98 4.17 -1.22
CA LYS A 33 -18.40 4.22 -0.86
C LYS A 33 -19.11 5.27 -1.70
N GLU A 34 -20.44 5.28 -1.63
CA GLU A 34 -21.21 6.22 -2.41
C GLU A 34 -20.80 7.64 -2.07
N GLY A 35 -20.74 8.50 -3.09
CA GLY A 35 -20.32 9.87 -2.89
C GLY A 35 -18.81 10.08 -3.03
N GLY A 36 -18.08 8.99 -3.25
CA GLY A 36 -16.63 9.07 -3.46
C GLY A 36 -16.27 9.30 -4.92
N ILE A 37 -14.99 9.54 -5.20
CA ILE A 37 -14.53 9.76 -6.56
C ILE A 37 -13.85 8.51 -7.10
N GLY A 38 -14.26 8.07 -8.28
CA GLY A 38 -13.57 6.98 -8.95
C GLY A 38 -13.93 5.62 -8.42
N ILE A 39 -13.24 4.60 -8.93
CA ILE A 39 -13.55 3.23 -8.62
C ILE A 39 -12.29 2.50 -8.13
N VAL A 40 -12.38 1.90 -6.94
CA VAL A 40 -11.28 1.12 -6.38
C VAL A 40 -11.85 -0.17 -5.83
N GLN A 41 -11.35 -1.29 -6.31
CA GLN A 41 -11.91 -2.59 -5.97
C GLN A 41 -10.91 -3.48 -5.21
N HIS A 42 -11.42 -4.21 -4.21
CA HIS A 42 -10.66 -5.22 -3.51
C HIS A 42 -10.93 -6.55 -4.19
N ILE A 43 -9.91 -7.12 -4.82
CA ILE A 43 -10.09 -8.32 -5.60
C ILE A 43 -9.26 -9.43 -5.01
N LYS A 44 -9.92 -10.55 -4.71
CA LYS A 44 -9.27 -11.70 -4.11
C LYS A 44 -9.22 -12.84 -5.11
N PHE A 45 -8.04 -13.47 -5.22
CA PHE A 45 -7.80 -14.57 -6.15
C PHE A 45 -7.47 -15.86 -5.40
N ASP A 46 -7.93 -16.98 -5.95
CA ASP A 46 -7.64 -18.31 -5.43
C ASP A 46 -6.26 -18.76 -5.93
N LEU A 47 -5.38 -19.12 -4.99
CA LEU A 47 -4.04 -19.61 -5.35
C LEU A 47 -3.90 -21.13 -5.32
N THR A 48 -4.97 -21.84 -4.94
CA THR A 48 -4.85 -23.29 -4.83
C THR A 48 -4.59 -23.87 -6.20
N GLY A 49 -3.79 -24.93 -6.25
CA GLY A 49 -3.43 -25.55 -7.51
C GLY A 49 -2.04 -25.14 -7.97
N GLY A 50 -1.48 -24.11 -7.35
CA GLY A 50 -0.11 -23.69 -7.66
C GLY A 50 0.64 -23.45 -6.37
N ASN A 51 1.86 -22.94 -6.45
CA ASN A 51 2.67 -22.73 -5.27
C ASN A 51 3.09 -21.27 -5.05
N LEU A 52 2.28 -20.35 -5.57
CA LEU A 52 2.54 -18.93 -5.37
C LEU A 52 2.47 -18.57 -3.89
N LYS A 53 3.61 -18.21 -3.32
CA LYS A 53 3.67 -17.68 -1.96
C LYS A 53 4.26 -16.28 -2.05
N TYR A 54 4.04 -15.48 -1.01
CA TYR A 54 4.45 -14.08 -1.02
C TYR A 54 4.50 -13.59 0.41
N ILE A 55 5.15 -12.46 0.63
CA ILE A 55 5.12 -11.82 1.94
C ILE A 55 4.69 -10.35 1.83
N GLU A 56 4.49 -9.70 2.96
CA GLU A 56 3.92 -8.36 3.00
C GLU A 56 4.84 -7.36 2.30
N GLY A 57 4.26 -6.44 1.54
CA GLY A 57 5.02 -5.39 0.86
C GLY A 57 5.41 -5.72 -0.57
N GLN A 58 5.17 -6.95 -0.99
CA GLN A 58 5.49 -7.35 -2.36
C GLN A 58 4.39 -6.99 -3.35
N SER A 59 4.63 -7.30 -4.61
CA SER A 59 3.70 -7.01 -5.70
C SER A 59 3.50 -8.28 -6.54
N ILE A 60 2.44 -8.29 -7.34
CA ILE A 60 2.26 -9.34 -8.35
C ILE A 60 1.94 -8.71 -9.69
N GLY A 61 2.20 -9.45 -10.76
CA GLY A 61 1.85 -8.98 -12.09
C GLY A 61 0.53 -9.60 -12.50
N ILE A 62 -0.26 -8.84 -13.25
CA ILE A 62 -1.48 -9.33 -13.85
C ILE A 62 -1.38 -9.08 -15.35
N ILE A 63 -1.58 -10.11 -16.15
CA ILE A 63 -1.54 -9.96 -17.60
C ILE A 63 -2.96 -9.90 -18.12
N PRO A 64 -3.38 -8.73 -18.61
CA PRO A 64 -4.74 -8.60 -19.09
C PRO A 64 -4.88 -9.25 -20.47
N PRO A 65 -6.10 -9.65 -20.85
CA PRO A 65 -6.28 -10.26 -22.15
C PRO A 65 -6.26 -9.20 -23.25
N GLY A 66 -6.16 -9.65 -24.49
CA GLY A 66 -6.27 -8.73 -25.62
C GLY A 66 -4.92 -8.23 -26.09
N VAL A 67 -4.96 -7.43 -27.14
CA VAL A 67 -3.77 -6.86 -27.73
C VAL A 67 -3.82 -5.35 -27.64
N ASP A 68 -2.66 -4.70 -27.69
CA ASP A 68 -2.64 -3.25 -27.66
C ASP A 68 -2.98 -2.65 -29.02
N LYS A 69 -2.84 -1.33 -29.14
CA LYS A 69 -3.16 -0.63 -30.37
C LYS A 69 -2.28 -1.07 -31.54
N ASN A 70 -1.16 -1.72 -31.23
CA ASN A 70 -0.28 -2.20 -32.29
C ASN A 70 -0.48 -3.67 -32.61
N GLY A 71 -1.47 -4.29 -31.97
CA GLY A 71 -1.71 -5.71 -32.20
C GLY A 71 -0.79 -6.64 -31.42
N LYS A 72 -0.01 -6.08 -30.51
CA LYS A 72 0.89 -6.88 -29.67
C LYS A 72 0.18 -7.33 -28.39
N PRO A 73 0.43 -8.57 -27.94
CA PRO A 73 -0.17 -8.99 -26.68
C PRO A 73 0.10 -7.97 -25.57
N GLU A 74 -0.88 -7.77 -24.70
CA GLU A 74 -0.70 -6.85 -23.59
C GLU A 74 0.30 -7.42 -22.59
N LYS A 75 1.08 -6.55 -21.97
CA LYS A 75 2.06 -6.97 -20.98
C LYS A 75 1.50 -6.87 -19.57
N LEU A 76 2.22 -7.45 -18.62
CA LEU A 76 1.77 -7.46 -17.24
C LEU A 76 1.77 -6.03 -16.71
N ARG A 77 0.85 -5.75 -15.79
CA ARG A 77 0.96 -4.55 -14.94
C ARG A 77 1.18 -5.02 -13.50
N LEU A 78 1.96 -4.27 -12.74
CA LEU A 78 2.25 -4.64 -11.36
C LEU A 78 1.21 -4.03 -10.43
N PHE A 79 0.81 -4.80 -9.41
CA PHE A 79 -0.06 -4.30 -8.36
C PHE A 79 0.48 -4.71 -6.99
N SER A 80 0.50 -3.77 -6.06
CA SER A 80 0.95 -4.07 -4.69
C SER A 80 -0.02 -5.06 -4.06
N ILE A 81 0.52 -6.07 -3.40
CA ILE A 81 -0.32 -7.02 -2.71
C ILE A 81 -1.00 -6.30 -1.57
N ALA A 82 -2.29 -6.59 -1.35
CA ALA A 82 -3.06 -5.90 -0.32
C ALA A 82 -3.39 -6.83 0.85
N SER A 83 -3.07 -8.11 0.70
CA SER A 83 -3.26 -9.09 1.77
C SER A 83 -1.94 -9.52 2.40
N THR A 84 -1.99 -10.06 3.62
CA THR A 84 -0.80 -10.62 4.24
C THR A 84 -0.47 -11.91 3.52
N ARG A 85 0.66 -12.50 3.90
CA ARG A 85 1.12 -13.74 3.30
C ARG A 85 0.08 -14.83 3.41
N HIS A 86 -0.80 -14.71 4.40
CA HIS A 86 -1.79 -15.76 4.67
C HIS A 86 -3.07 -15.57 3.89
N GLY A 87 -3.22 -14.41 3.24
CA GLY A 87 -4.49 -14.07 2.58
C GLY A 87 -5.51 -13.50 3.55
N ASP A 88 -6.57 -12.89 3.01
CA ASP A 88 -7.56 -12.19 3.85
C ASP A 88 -8.30 -13.11 4.83
N ASP A 89 -8.33 -14.41 4.54
CA ASP A 89 -9.07 -15.35 5.40
C ASP A 89 -8.10 -16.11 6.25
N VAL A 90 -6.84 -15.68 6.19
CA VAL A 90 -5.77 -16.29 6.96
C VAL A 90 -5.74 -17.81 6.79
N ASP A 91 -5.80 -18.25 5.52
CA ASP A 91 -5.79 -19.67 5.20
C ASP A 91 -4.66 -20.06 4.26
N ASP A 92 -3.82 -19.09 3.89
CA ASP A 92 -2.70 -19.34 2.96
C ASP A 92 -3.15 -19.85 1.57
N LYS A 93 -4.37 -19.50 1.17
CA LYS A 93 -4.91 -20.00 -0.11
C LYS A 93 -5.22 -18.90 -1.11
N THR A 94 -5.11 -17.63 -0.71
CA THR A 94 -5.53 -16.52 -1.58
C THR A 94 -4.58 -15.34 -1.56
N ILE A 95 -4.83 -14.40 -2.46
CA ILE A 95 -4.09 -13.16 -2.53
C ILE A 95 -5.09 -12.07 -2.94
N SER A 96 -4.90 -10.85 -2.44
CA SER A 96 -5.82 -9.77 -2.77
C SER A 96 -5.07 -8.55 -3.30
N LEU A 97 -5.74 -7.80 -4.17
CA LEU A 97 -5.23 -6.55 -4.73
C LEU A 97 -6.21 -5.43 -4.40
N CYS A 98 -5.70 -4.21 -4.45
CA CYS A 98 -6.48 -3.00 -4.28
C CYS A 98 -6.29 -2.19 -5.56
N VAL A 99 -7.26 -2.28 -6.46
CA VAL A 99 -7.10 -1.80 -7.83
C VAL A 99 -8.02 -0.63 -8.16
N ARG A 100 -7.41 0.49 -8.54
CA ARG A 100 -8.15 1.67 -8.96
C ARG A 100 -8.35 1.66 -10.46
N GLN A 101 -9.57 1.96 -10.90
CA GLN A 101 -9.80 2.11 -12.33
C GLN A 101 -9.16 3.39 -12.86
N LEU A 102 -8.18 3.24 -13.74
CA LEU A 102 -7.55 4.42 -14.33
C LEU A 102 -8.48 5.00 -15.39
N GLU A 103 -8.76 6.28 -15.27
CA GLU A 103 -9.55 6.98 -16.29
C GLU A 103 -9.10 8.43 -16.34
N TYR A 104 -9.13 9.02 -17.53
CA TYR A 104 -8.61 10.37 -17.67
C TYR A 104 -9.03 11.11 -18.94
N LYS A 105 -8.51 12.33 -19.05
CA LYS A 105 -8.91 13.34 -20.03
C LYS A 105 -9.14 12.88 -21.46
N HIS A 106 -8.15 13.11 -22.32
CA HIS A 106 -8.28 12.85 -23.75
C HIS A 106 -7.10 12.04 -24.29
N PRO A 107 -5.87 12.47 -23.96
CA PRO A 107 -4.66 11.74 -24.31
C PRO A 107 -4.84 10.23 -24.17
N THR A 112 -12.06 10.80 -22.71
CA THR A 112 -12.31 9.70 -21.76
C THR A 112 -11.58 8.40 -22.12
N VAL A 113 -10.51 8.12 -21.39
CA VAL A 113 -9.73 6.91 -21.64
C VAL A 113 -9.77 6.01 -20.41
N TYR A 114 -9.95 4.72 -20.63
CA TYR A 114 -9.94 3.75 -19.52
C TYR A 114 -8.73 2.86 -19.60
N GLY A 115 -7.94 2.83 -18.53
CA GLY A 115 -6.76 1.98 -18.46
C GLY A 115 -7.12 0.55 -18.76
N VAL A 116 -6.28 -0.13 -19.53
CA VAL A 116 -6.59 -1.48 -19.99
C VAL A 116 -6.63 -2.51 -18.84
N CYS A 117 -5.55 -2.64 -18.10
CA CYS A 117 -5.51 -3.69 -17.09
C CYS A 117 -6.41 -3.38 -15.89
N SER A 118 -6.45 -2.10 -15.50
CA SER A 118 -7.21 -1.72 -14.31
C SER A 118 -8.72 -1.84 -14.52
N THR A 119 -9.18 -1.53 -15.73
CA THR A 119 -10.60 -1.67 -16.07
C THR A 119 -11.00 -3.15 -16.14
N TYR A 120 -10.13 -3.94 -16.74
CA TYR A 120 -10.31 -5.39 -16.79
C TYR A 120 -10.47 -5.93 -15.37
N LEU A 121 -9.58 -5.54 -14.48
CA LEU A 121 -9.64 -6.02 -13.11
C LEU A 121 -10.86 -5.51 -12.34
N THR A 122 -11.11 -4.20 -12.39
CA THR A 122 -12.19 -3.62 -11.59
C THR A 122 -13.57 -4.17 -11.97
N HIS A 123 -13.72 -4.59 -13.23
CA HIS A 123 -14.97 -5.18 -13.71
C HIS A 123 -14.95 -6.69 -13.81
N ILE A 124 -13.91 -7.34 -13.31
CA ILE A 124 -13.79 -8.77 -13.46
C ILE A 124 -14.81 -9.52 -12.60
N GLU A 125 -15.34 -10.62 -13.13
CA GLU A 125 -16.37 -11.39 -12.44
C GLU A 125 -15.77 -12.56 -11.67
N PRO A 126 -16.34 -12.87 -10.49
CA PRO A 126 -15.90 -14.05 -9.76
C PRO A 126 -15.99 -15.28 -10.66
N GLY A 127 -15.07 -16.22 -10.49
CA GLY A 127 -15.04 -17.41 -11.33
C GLY A 127 -14.13 -17.24 -12.54
N SER A 128 -13.84 -16.00 -12.90
CA SER A 128 -12.93 -15.72 -14.04
C SER A 128 -11.51 -16.15 -13.71
N GLU A 129 -10.80 -16.66 -14.72
CA GLU A 129 -9.39 -17.00 -14.61
C GLU A 129 -8.55 -15.76 -14.91
N VAL A 130 -7.43 -15.65 -14.22
CA VAL A 130 -6.56 -14.50 -14.36
C VAL A 130 -5.10 -14.96 -14.42
N LYS A 131 -4.30 -14.30 -15.26
CA LYS A 131 -2.89 -14.63 -15.38
C LYS A 131 -2.09 -13.80 -14.37
N ILE A 132 -1.43 -14.49 -13.45
CA ILE A 132 -0.73 -13.85 -12.33
C ILE A 132 0.76 -14.19 -12.38
N THR A 133 1.61 -13.20 -12.15
CA THR A 133 3.05 -13.43 -12.07
C THR A 133 3.60 -12.94 -10.74
N GLY A 134 4.81 -13.39 -10.38
CA GLY A 134 5.47 -12.91 -9.18
C GLY A 134 5.69 -13.98 -8.13
N PRO A 135 5.77 -13.57 -6.86
CA PRO A 135 5.65 -12.15 -6.53
C PRO A 135 6.96 -11.46 -6.85
N VAL A 136 6.99 -10.14 -6.70
CA VAL A 136 8.23 -9.39 -6.90
C VAL A 136 8.41 -8.31 -5.85
N GLY A 137 9.65 -7.92 -5.63
CA GLY A 137 9.97 -6.73 -4.86
C GLY A 137 10.59 -7.04 -3.51
N LYS A 138 11.65 -6.32 -3.17
CA LYS A 138 12.27 -6.44 -1.86
C LYS A 138 12.51 -5.09 -1.24
N GLU A 139 11.86 -4.07 -1.78
CA GLU A 139 12.10 -2.69 -1.34
C GLU A 139 11.10 -2.25 -0.27
N MET A 140 9.99 -2.99 -0.14
CA MET A 140 8.92 -2.62 0.79
C MET A 140 8.64 -3.67 1.87
N LEU A 141 9.67 -4.40 2.26
CA LEU A 141 9.53 -5.47 3.23
C LEU A 141 9.44 -4.94 4.66
N LEU A 142 8.59 -5.57 5.45
CA LEU A 142 8.41 -5.23 6.86
C LEU A 142 9.49 -5.89 7.69
N PRO A 143 10.07 -5.17 8.66
CA PRO A 143 11.08 -5.79 9.51
C PRO A 143 10.48 -6.88 10.40
N ASP A 144 11.27 -7.90 10.69
CA ASP A 144 10.86 -9.00 11.56
C ASP A 144 10.81 -8.56 13.01
N ASP A 145 11.50 -7.47 13.30
CA ASP A 145 11.58 -6.98 14.68
C ASP A 145 10.24 -6.41 15.13
N PRO A 146 9.62 -7.04 16.15
CA PRO A 146 8.29 -6.65 16.62
C PRO A 146 8.29 -5.34 17.41
N GLU A 147 9.46 -4.78 17.69
CA GLU A 147 9.53 -3.51 18.42
C GLU A 147 9.92 -2.37 17.48
N ALA A 148 9.95 -2.65 16.18
CA ALA A 148 10.24 -1.60 15.23
C ALA A 148 9.11 -0.59 15.23
N ASN A 149 9.41 0.67 14.91
CA ASN A 149 8.34 1.61 14.63
C ASN A 149 8.13 1.67 13.14
N VAL A 150 6.87 1.82 12.73
CA VAL A 150 6.55 1.81 11.31
C VAL A 150 5.72 3.03 10.92
N ILE A 151 6.33 3.93 10.16
CA ILE A 151 5.63 5.09 9.62
C ILE A 151 5.13 4.78 8.21
N MET A 152 3.86 5.06 7.95
CA MET A 152 3.23 4.70 6.68
C MET A 152 2.61 5.93 6.03
N LEU A 153 3.16 6.33 4.89
CA LEU A 153 2.68 7.51 4.18
C LEU A 153 2.08 7.07 2.85
N ALA A 154 0.75 7.08 2.77
CA ALA A 154 0.05 6.47 1.63
C ALA A 154 -0.98 7.40 1.04
N THR A 155 -1.14 7.35 -0.28
CA THR A 155 -2.26 8.03 -0.92
C THR A 155 -2.96 7.01 -1.83
N GLY A 156 -4.29 7.05 -1.86
CA GLY A 156 -5.06 6.18 -2.76
C GLY A 156 -4.65 4.73 -2.63
N THR A 157 -4.33 4.10 -3.75
CA THR A 157 -4.04 2.67 -3.72
C THR A 157 -2.75 2.35 -2.99
N GLY A 158 -1.97 3.38 -2.65
CA GLY A 158 -0.77 3.21 -1.85
C GLY A 158 -1.05 2.59 -0.49
N ILE A 159 -2.32 2.57 -0.09
CA ILE A 159 -2.70 1.93 1.16
C ILE A 159 -2.38 0.43 1.17
N ALA A 160 -2.25 -0.15 -0.03
CA ALA A 160 -2.19 -1.61 -0.19
C ALA A 160 -1.10 -2.31 0.65
N PRO A 161 0.18 -1.96 0.45
CA PRO A 161 1.20 -2.58 1.28
C PRO A 161 0.97 -2.25 2.76
N MET A 162 0.48 -1.04 3.03
CA MET A 162 0.16 -0.65 4.41
C MET A 162 -0.89 -1.59 5.02
N ARG A 163 -1.86 -2.03 4.22
CA ARG A 163 -2.82 -3.00 4.68
C ARG A 163 -2.14 -4.30 5.07
N THR A 164 -1.19 -4.75 4.26
CA THR A 164 -0.52 -6.02 4.57
C THR A 164 0.24 -5.90 5.89
N TYR A 165 0.84 -4.73 6.13
CA TYR A 165 1.57 -4.52 7.37
C TYR A 165 0.63 -4.49 8.57
N LEU A 166 -0.39 -3.63 8.48
CA LEU A 166 -1.26 -3.42 9.62
C LEU A 166 -2.11 -4.65 9.97
N TRP A 167 -2.50 -5.42 8.96
CA TRP A 167 -3.24 -6.65 9.20
C TRP A 167 -2.33 -7.64 9.92
N ARG A 168 -1.12 -7.80 9.44
CA ARG A 168 -0.17 -8.72 10.06
C ARG A 168 0.08 -8.29 11.50
N MET A 169 0.16 -6.99 11.72
CA MET A 169 0.43 -6.46 13.05
C MET A 169 -0.76 -6.62 14.01
N PHE A 170 -1.97 -6.41 13.51
CA PHE A 170 -3.08 -6.10 14.41
C PHE A 170 -4.34 -6.99 14.33
N LYS A 171 -4.50 -7.76 13.26
CA LYS A 171 -5.67 -8.64 13.16
C LYS A 171 -5.57 -9.79 14.16
N ASP A 172 -6.65 -10.08 14.89
CA ASP A 172 -6.60 -11.17 15.85
C ASP A 172 -6.09 -12.46 15.20
N ALA A 173 -6.62 -12.79 14.03
CA ALA A 173 -6.28 -14.07 13.40
C ALA A 173 -4.82 -14.12 12.95
N GLU A 174 -4.29 -12.98 12.52
CA GLU A 174 -2.88 -12.89 12.17
C GLU A 174 -2.00 -13.12 13.40
N ARG A 175 -2.32 -12.45 14.50
CA ARG A 175 -1.55 -12.64 15.74
C ARG A 175 -1.54 -14.09 16.18
N ALA A 176 -2.69 -14.76 16.05
CA ALA A 176 -2.80 -16.18 16.40
C ALA A 176 -1.96 -17.07 15.46
N ALA A 177 -1.85 -16.66 14.20
CA ALA A 177 -1.13 -17.45 13.22
C ALA A 177 0.36 -17.12 13.16
N ASN A 178 0.76 -15.98 13.71
CA ASN A 178 2.16 -15.56 13.67
C ASN A 178 2.80 -15.47 15.05
N PRO A 179 3.05 -16.62 15.69
CA PRO A 179 3.55 -16.61 17.07
C PRO A 179 4.83 -15.79 17.19
N GLU A 180 5.63 -15.78 16.13
CA GLU A 180 6.91 -15.13 16.11
C GLU A 180 6.85 -13.61 15.86
N TYR A 181 5.66 -13.07 15.64
CA TYR A 181 5.52 -11.63 15.38
C TYR A 181 4.34 -11.03 16.12
N GLN A 182 4.57 -10.73 17.39
CA GLN A 182 3.58 -10.03 18.22
C GLN A 182 4.02 -8.59 18.32
N PHE A 183 3.45 -7.76 17.46
CA PHE A 183 3.91 -6.39 17.27
C PHE A 183 3.64 -5.59 18.53
N LYS A 184 4.64 -4.84 18.98
CA LYS A 184 4.50 -4.02 20.18
C LYS A 184 5.20 -2.68 19.98
N GLY A 185 5.49 -2.34 18.73
CA GLY A 185 6.09 -1.04 18.43
C GLY A 185 4.99 -0.01 18.27
N PHE A 186 5.28 1.02 17.48
CA PHE A 186 4.31 2.04 17.17
C PHE A 186 4.22 2.22 15.65
N SER A 187 3.00 2.20 15.13
CA SER A 187 2.75 2.40 13.71
C SER A 187 1.91 3.65 13.55
N TRP A 188 2.19 4.42 12.50
CA TRP A 188 1.46 5.63 12.25
C TRP A 188 1.18 5.70 10.76
N LEU A 189 -0.10 5.69 10.41
CA LEU A 189 -0.49 5.83 9.01
C LEU A 189 -1.03 7.23 8.75
N VAL A 190 -0.43 7.91 7.78
CA VAL A 190 -0.96 9.15 7.24
C VAL A 190 -1.50 8.84 5.85
N PHE A 191 -2.81 8.99 5.67
CA PHE A 191 -3.51 8.46 4.50
C PHE A 191 -4.23 9.61 3.82
N GLY A 192 -3.86 9.88 2.57
CA GLY A 192 -4.46 10.96 1.80
C GLY A 192 -5.38 10.44 0.71
N VAL A 193 -6.64 10.87 0.76
CA VAL A 193 -7.64 10.53 -0.25
C VAL A 193 -8.52 11.75 -0.39
N PRO A 194 -9.33 11.81 -1.46
CA PRO A 194 -10.07 13.06 -1.68
C PRO A 194 -11.31 13.25 -0.80
N THR A 195 -11.95 12.14 -0.41
CA THR A 195 -13.22 12.23 0.34
C THR A 195 -13.29 11.14 1.38
N THR A 196 -14.17 11.30 2.36
CA THR A 196 -14.36 10.26 3.37
C THR A 196 -14.77 8.91 2.77
N PRO A 197 -15.72 8.91 1.83
CA PRO A 197 -16.04 7.66 1.12
C PRO A 197 -14.85 7.03 0.41
N ASN A 198 -13.85 7.84 0.08
CA ASN A 198 -12.65 7.35 -0.58
C ASN A 198 -11.63 6.77 0.40
N ILE A 199 -11.93 6.81 1.68
CA ILE A 199 -11.00 6.22 2.65
C ILE A 199 -11.11 4.70 2.55
N LEU A 200 -10.20 4.09 1.80
CA LEU A 200 -10.20 2.65 1.61
C LEU A 200 -9.95 1.94 2.92
N TYR A 201 -10.77 0.92 3.22
CA TYR A 201 -10.66 0.13 4.44
C TYR A 201 -10.89 0.96 5.72
N LYS A 202 -11.60 2.08 5.57
CA LYS A 202 -11.85 2.99 6.70
C LYS A 202 -12.27 2.26 7.97
N GLU A 203 -13.28 1.41 7.85
CA GLU A 203 -13.85 0.76 9.04
C GLU A 203 -12.82 -0.05 9.79
N GLU A 204 -12.07 -0.87 9.05
CA GLU A 204 -11.06 -1.71 9.68
C GLU A 204 -9.88 -0.91 10.24
N LEU A 205 -9.44 0.12 9.52
CA LEU A 205 -8.38 0.98 10.02
C LEU A 205 -8.76 1.59 11.36
N GLU A 206 -9.96 2.16 11.42
CA GLU A 206 -10.41 2.79 12.66
C GLU A 206 -10.65 1.78 13.78
N GLU A 207 -11.04 0.57 13.39
CA GLU A 207 -11.19 -0.49 14.36
C GLU A 207 -9.83 -0.81 14.98
N ILE A 208 -8.80 -0.87 14.14
CA ILE A 208 -7.45 -1.13 14.64
C ILE A 208 -6.99 -0.03 15.62
N GLN A 209 -7.29 1.23 15.31
CA GLN A 209 -6.87 2.35 16.17
C GLN A 209 -7.60 2.33 17.52
N GLN A 210 -8.87 1.97 17.50
CA GLN A 210 -9.65 1.93 18.73
C GLN A 210 -9.14 0.82 19.66
N LYS A 211 -8.71 -0.29 19.07
CA LYS A 211 -8.24 -1.43 19.86
C LYS A 211 -6.77 -1.30 20.28
N TYR A 212 -5.99 -0.56 19.50
CA TYR A 212 -4.56 -0.39 19.78
C TYR A 212 -4.16 1.07 19.77
N PRO A 213 -4.77 1.87 20.66
CA PRO A 213 -4.53 3.31 20.67
C PRO A 213 -3.07 3.68 20.95
N ASP A 214 -2.35 2.81 21.65
CA ASP A 214 -0.95 3.08 21.98
C ASP A 214 0.02 2.54 20.91
N ASN A 215 -0.49 1.76 19.98
CA ASN A 215 0.38 1.12 18.99
C ASN A 215 0.07 1.54 17.55
N PHE A 216 -1.03 2.23 17.35
CA PHE A 216 -1.42 2.64 16.01
C PHE A 216 -2.06 4.01 16.04
N ARG A 217 -1.51 4.91 15.25
CA ARG A 217 -2.11 6.21 15.06
C ARG A 217 -2.55 6.37 13.62
N LEU A 218 -3.77 6.87 13.45
CA LEU A 218 -4.37 7.05 12.13
C LEU A 218 -4.58 8.53 11.88
N THR A 219 -3.98 9.05 10.81
CA THR A 219 -4.16 10.44 10.42
C THR A 219 -4.62 10.50 8.96
N TYR A 220 -5.67 11.28 8.70
CA TYR A 220 -6.19 11.43 7.35
C TYR A 220 -5.85 12.80 6.75
N ALA A 221 -5.64 12.83 5.45
CA ALA A 221 -5.63 14.10 4.70
C ALA A 221 -6.69 13.99 3.60
N ILE A 222 -7.83 14.65 3.82
CA ILE A 222 -9.00 14.48 2.95
C ILE A 222 -9.21 15.77 2.17
N SER A 223 -8.78 15.78 0.91
CA SER A 223 -8.60 17.04 0.20
C SER A 223 -9.90 17.83 -0.05
N ARG A 224 -11.01 17.12 -0.27
CA ARG A 224 -12.31 17.79 -0.52
C ARG A 224 -13.06 18.21 0.76
N GLU A 225 -12.56 17.80 1.92
CA GLU A 225 -13.23 18.10 3.17
C GLU A 225 -12.38 18.92 4.16
N GLN A 226 -11.11 19.14 3.83
CA GLN A 226 -10.21 19.81 4.75
C GLN A 226 -9.29 20.77 4.00
N LYS A 227 -8.95 21.87 4.66
CA LYS A 227 -8.00 22.85 4.11
C LYS A 227 -6.77 22.89 4.99
N ASN A 228 -5.61 23.05 4.37
CA ASN A 228 -4.38 23.28 5.11
C ASN A 228 -4.33 24.73 5.58
N PRO A 229 -3.31 25.09 6.38
CA PRO A 229 -3.26 26.43 6.95
C PRO A 229 -3.13 27.52 5.88
N GLN A 230 -2.64 27.17 4.70
CA GLN A 230 -2.51 28.13 3.62
C GLN A 230 -3.81 28.29 2.84
N GLY A 231 -4.84 27.55 3.25
CA GLY A 231 -6.16 27.64 2.59
C GLY A 231 -6.33 26.70 1.40
N GLY A 232 -5.28 26.01 1.01
CA GLY A 232 -5.40 25.03 -0.07
C GLY A 232 -6.04 23.75 0.43
N ARG A 233 -6.44 22.89 -0.50
CA ARG A 233 -6.94 21.56 -0.13
C ARG A 233 -5.88 20.79 0.66
N MET A 234 -6.32 19.97 1.61
CA MET A 234 -5.42 19.17 2.46
C MET A 234 -4.88 17.91 1.77
N TYR A 235 -3.56 17.84 1.63
CA TYR A 235 -2.89 16.66 1.08
C TYR A 235 -1.95 16.05 2.10
N ILE A 236 -1.46 14.84 1.82
CA ILE A 236 -0.59 14.14 2.73
C ILE A 236 0.62 14.99 3.13
N GLN A 237 1.18 15.73 2.18
CA GLN A 237 2.36 16.54 2.45
C GLN A 237 2.05 17.56 3.52
N ASP A 238 0.82 18.06 3.52
CA ASP A 238 0.39 19.04 4.51
C ASP A 238 0.36 18.42 5.91
N ARG A 239 -0.13 17.19 6.00
CA ARG A 239 -0.16 16.49 7.29
C ARG A 239 1.24 16.17 7.76
N VAL A 240 2.13 15.83 6.83
CA VAL A 240 3.51 15.57 7.22
C VAL A 240 4.17 16.86 7.75
N ALA A 241 3.88 18.00 7.09
CA ALA A 241 4.39 19.28 7.55
C ALA A 241 3.88 19.59 8.94
N GLU A 242 2.57 19.45 9.13
CA GLU A 242 1.92 19.63 10.41
C GLU A 242 2.54 18.79 11.54
N HIS A 243 2.92 17.54 11.24
CA HIS A 243 3.50 16.66 12.25
C HIS A 243 4.99 16.40 12.04
N ALA A 244 5.66 17.33 11.35
CA ALA A 244 7.05 17.12 10.93
C ALA A 244 7.99 16.82 12.11
N ASP A 245 7.87 17.60 13.18
CA ASP A 245 8.77 17.42 14.33
C ASP A 245 8.62 16.02 14.94
N GLN A 246 7.36 15.61 15.15
CA GLN A 246 7.05 14.28 15.67
C GLN A 246 7.58 13.20 14.75
N LEU A 247 7.33 13.34 13.46
CA LEU A 247 7.80 12.35 12.50
C LEU A 247 9.32 12.26 12.51
N TRP A 248 9.99 13.41 12.53
CA TRP A 248 11.46 13.43 12.59
C TRP A 248 11.99 12.77 13.88
N GLN A 249 11.32 13.00 15.01
CA GLN A 249 11.73 12.38 16.26
C GLN A 249 11.60 10.85 16.22
N LEU A 250 10.55 10.35 15.59
CA LEU A 250 10.39 8.89 15.44
C LEU A 250 11.46 8.32 14.51
N ILE A 251 11.71 9.02 13.42
CA ILE A 251 12.69 8.60 12.42
C ILE A 251 14.11 8.48 12.98
N LYS A 252 14.46 9.28 13.97
CA LYS A 252 15.80 9.20 14.58
C LYS A 252 16.06 7.87 15.29
N ASN A 253 15.00 7.13 15.62
CA ASN A 253 15.14 5.82 16.25
C ASN A 253 15.75 4.80 15.28
N GLN A 254 16.83 4.16 15.71
CA GLN A 254 17.54 3.15 14.88
C GLN A 254 16.60 2.07 14.36
N LYS A 255 15.47 1.87 15.03
CA LYS A 255 14.56 0.80 14.62
C LYS A 255 13.34 1.27 13.82
N THR A 256 13.33 2.53 13.40
CA THR A 256 12.18 3.06 12.69
C THR A 256 12.31 2.85 11.20
N HIS A 257 11.22 2.43 10.60
CA HIS A 257 11.15 2.22 9.16
C HIS A 257 10.04 3.13 8.66
N THR A 258 10.27 3.77 7.51
CA THR A 258 9.25 4.60 6.89
C THR A 258 8.89 4.05 5.51
N TYR A 259 7.59 4.06 5.18
CA TYR A 259 7.08 3.50 3.93
C TYR A 259 6.23 4.54 3.23
N ILE A 260 6.52 4.76 1.95
CA ILE A 260 5.80 5.71 1.13
C ILE A 260 5.25 4.97 -0.08
N CYS A 261 3.95 5.12 -0.34
CA CYS A 261 3.36 4.42 -1.48
C CYS A 261 2.14 5.14 -2.05
N GLY A 262 2.02 5.12 -3.37
CA GLY A 262 0.95 5.81 -4.07
C GLY A 262 1.46 6.37 -5.38
N LEU A 263 0.61 7.10 -6.09
CA LEU A 263 1.02 7.76 -7.32
C LEU A 263 2.12 8.77 -7.05
N ARG A 264 3.10 8.85 -7.95
CA ARG A 264 4.24 9.74 -7.75
C ARG A 264 3.77 11.17 -7.50
N GLY A 265 4.53 11.91 -6.70
CA GLY A 265 4.24 13.33 -6.51
C GLY A 265 4.35 13.79 -5.07
N MET A 266 4.26 12.85 -4.14
CA MET A 266 4.18 13.22 -2.73
C MET A 266 5.54 13.36 -2.06
N GLU A 267 6.58 12.81 -2.69
CA GLU A 267 7.90 12.78 -2.07
C GLU A 267 8.53 14.16 -1.83
N GLU A 268 8.39 15.04 -2.81
CA GLU A 268 8.97 16.38 -2.72
C GLU A 268 8.52 17.12 -1.46
N GLY A 269 7.21 17.17 -1.23
CA GLY A 269 6.66 17.89 -0.08
C GLY A 269 7.00 17.21 1.23
N ILE A 270 7.02 15.88 1.21
CA ILE A 270 7.41 15.12 2.40
C ILE A 270 8.86 15.42 2.76
N ASP A 271 9.74 15.46 1.78
CA ASP A 271 11.12 15.81 2.04
C ASP A 271 11.26 17.23 2.56
N ALA A 272 10.50 18.16 1.99
CA ALA A 272 10.64 19.55 2.38
C ALA A 272 10.26 19.74 3.84
N ALA A 273 9.21 19.04 4.26
CA ALA A 273 8.75 19.12 5.66
C ALA A 273 9.75 18.45 6.61
N LEU A 274 10.22 17.26 6.25
CA LEU A 274 11.17 16.56 7.11
C LEU A 274 12.52 17.29 7.15
N SER A 275 12.86 17.94 6.05
CA SER A 275 14.10 18.71 5.98
C SER A 275 14.09 19.87 6.99
N ALA A 276 12.99 20.61 7.04
CA ALA A 276 12.87 21.74 7.97
C ALA A 276 12.91 21.28 9.42
N ALA A 277 12.35 20.10 9.68
CA ALA A 277 12.34 19.59 11.04
C ALA A 277 13.74 19.21 11.48
N ALA A 278 14.43 18.46 10.63
CA ALA A 278 15.78 17.98 10.95
C ALA A 278 16.77 19.12 11.02
N ALA A 279 16.56 20.15 10.20
CA ALA A 279 17.49 21.27 10.18
C ALA A 279 17.57 21.93 11.55
N LYS A 280 16.49 21.83 12.32
CA LYS A 280 16.43 22.46 13.63
C LYS A 280 17.45 21.86 14.58
N GLU A 281 17.84 20.62 14.33
CA GLU A 281 18.88 19.98 15.13
C GLU A 281 20.17 19.89 14.33
N GLY A 282 20.30 20.75 13.34
CA GLY A 282 21.52 20.81 12.54
C GLY A 282 21.76 19.58 11.69
N VAL A 283 20.69 18.92 11.26
CA VAL A 283 20.82 17.75 10.40
C VAL A 283 20.35 18.04 8.98
N THR A 284 21.09 17.55 8.00
CA THR A 284 20.67 17.69 6.61
C THR A 284 19.86 16.48 6.19
N TRP A 285 18.56 16.67 6.09
CA TRP A 285 17.64 15.55 5.86
C TRP A 285 18.02 14.72 4.66
N SER A 286 18.38 15.38 3.56
CA SER A 286 18.68 14.64 2.33
C SER A 286 19.84 13.68 2.55
N ASP A 287 20.79 14.05 3.40
CA ASP A 287 21.93 13.18 3.74
C ASP A 287 21.52 12.07 4.69
N TYR A 288 20.75 12.43 5.72
CA TYR A 288 20.29 11.46 6.70
C TYR A 288 19.49 10.38 5.99
N GLN A 289 18.63 10.83 5.08
CA GLN A 289 17.77 9.96 4.30
C GLN A 289 18.58 8.99 3.42
N LYS A 290 19.66 9.49 2.84
CA LYS A 290 20.54 8.63 2.04
C LYS A 290 21.03 7.46 2.88
N ASP A 291 21.36 7.74 4.13
CA ASP A 291 21.86 6.70 5.03
C ASP A 291 20.73 5.76 5.45
N LEU A 292 19.52 6.30 5.61
CA LEU A 292 18.36 5.48 5.91
C LEU A 292 18.07 4.53 4.75
N LYS A 293 18.18 5.02 3.52
CA LYS A 293 17.94 4.18 2.34
C LYS A 293 18.98 3.06 2.25
N LYS A 294 20.24 3.40 2.46
CA LYS A 294 21.31 2.42 2.52
C LYS A 294 21.05 1.35 3.57
N ALA A 295 20.52 1.77 4.73
CA ALA A 295 20.25 0.85 5.82
C ALA A 295 19.00 0.01 5.60
N GLY A 296 18.25 0.34 4.55
CA GLY A 296 17.00 -0.36 4.26
C GLY A 296 15.85 0.05 5.17
N ARG A 297 15.83 1.31 5.61
CA ARG A 297 14.78 1.78 6.52
C ARG A 297 13.95 2.91 5.93
N TRP A 298 14.22 3.24 4.66
CA TRP A 298 13.42 4.22 3.93
C TRP A 298 12.92 3.56 2.65
N HIS A 299 11.65 3.19 2.66
CA HIS A 299 11.08 2.35 1.61
C HIS A 299 10.12 3.17 0.78
N VAL A 300 10.37 3.23 -0.53
CA VAL A 300 9.51 3.98 -1.43
C VAL A 300 9.02 3.14 -2.61
N GLU A 301 7.73 3.25 -2.92
CA GLU A 301 7.20 2.62 -4.11
C GLU A 301 6.12 3.53 -4.67
N THR A 302 6.48 4.34 -5.65
CA THR A 302 5.50 5.20 -6.29
C THR A 302 5.42 4.87 -7.76
N TYR A 303 4.32 5.27 -8.38
CA TYR A 303 4.04 4.82 -9.73
C TYR A 303 3.13 5.78 -10.46
PA FAD B . -2.88 1.59 -19.31
O1A FAD B . -1.61 0.78 -19.31
O2A FAD B . -3.84 1.18 -20.40
O5B FAD B . -2.55 3.15 -19.41
C5B FAD B . -1.45 3.69 -18.72
C4B FAD B . -1.00 4.90 -19.54
O4B FAD B . -2.02 5.87 -19.59
C3B FAD B . 0.19 5.62 -18.94
O3B FAD B . 1.39 4.99 -19.34
C2B FAD B . 0.06 6.98 -19.59
O2B FAD B . 0.59 6.92 -20.88
C1B FAD B . -1.44 7.16 -19.71
N9A FAD B . -1.96 8.00 -18.62
C8A FAD B . -2.09 7.65 -17.29
N7A FAD B . -2.62 8.69 -16.63
C5A FAD B . -2.85 9.69 -17.50
C6A FAD B . -3.38 10.96 -17.34
N6A FAD B . -3.98 11.27 -16.20
N1A FAD B . -3.50 11.79 -18.44
C2A FAD B . -3.09 11.36 -19.69
N3A FAD B . -2.56 10.09 -19.85
C4A FAD B . -2.44 9.27 -18.76
N1 FAD B . -2.37 0.49 -9.52
C2 FAD B . -3.45 0.31 -8.68
O2 FAD B . -4.57 0.64 -9.04
N3 FAD B . -3.27 -0.22 -7.44
C4 FAD B . -2.02 -0.62 -7.00
O4 FAD B . -1.90 -1.09 -5.87
C4X FAD B . -0.93 -0.43 -7.84
N5 FAD B . 0.35 -0.81 -7.43
C5X FAD B . 1.43 -0.64 -8.27
C6 FAD B . 2.69 -1.03 -7.85
C7 FAD B . 3.79 -0.87 -8.67
C7M FAD B . 5.15 -1.30 -8.17
C8 FAD B . 3.63 -0.32 -9.93
C8M FAD B . 4.81 -0.14 -10.84
C9 FAD B . 2.35 0.08 -10.36
C9A FAD B . 1.25 -0.09 -9.53
N10 FAD B . -0.02 0.29 -9.94
C10 FAD B . -1.11 0.11 -9.10
C1' FAD B . -0.24 0.86 -11.32
C2' FAD B . -0.56 -0.28 -12.27
O2' FAD B . 0.58 -1.11 -12.40
C3' FAD B . -1.00 0.24 -13.63
O3' FAD B . 0.02 1.07 -14.12
C4' FAD B . -2.31 1.05 -13.53
O4' FAD B . -3.34 0.27 -12.96
C5' FAD B . -2.74 1.52 -14.91
O5' FAD B . -2.60 0.45 -15.82
P FAD B . -3.71 0.20 -16.96
O1P FAD B . -3.34 -1.04 -17.76
O2P FAD B . -5.10 0.10 -16.37
O3P FAD B . -3.60 1.51 -17.87
C1 GOL C . -11.32 -5.49 2.53
O1 GOL C . -10.84 -5.43 3.85
C2 GOL C . -12.82 -5.75 2.56
O2 GOL C . -13.38 -5.47 1.29
C3 GOL C . -13.07 -7.22 2.89
O3 GOL C . -11.98 -7.69 3.65
S SO4 D . -7.90 16.21 -5.33
O1 SO4 D . -6.81 17.14 -5.66
O2 SO4 D . -8.74 16.80 -4.29
O3 SO4 D . -8.69 15.93 -6.51
O4 SO4 D . -7.31 14.97 -4.85
#